data_5VYV
#
_entry.id   5VYV
#
_cell.length_a   37.777
_cell.length_b   74.853
_cell.length_c   58.661
_cell.angle_alpha   90.00
_cell.angle_beta   100.73
_cell.angle_gamma   90.00
#
_symmetry.space_group_name_H-M   'P 1 21 1'
#
loop_
_entity.id
_entity.type
_entity.pdbx_description
1 polymer 'UPF0502 protein YceH'
2 non-polymer DI(HYDROXYETHYL)ETHER
3 water water
#
_entity_poly.entity_id   1
_entity_poly.type   'polypeptide(L)'
_entity_poly.pdbx_seq_one_letter_code
;MKYQLTALEARVIGCLLEKQVTTPEQYPLSVNGVVTACNQKTNREPVMNLSESEVQEQLDNLVKRHYLRTVSGFGNRVTK
YEQRFCNSEFGDLKLSAAEVALITTLLLRGAQTPGELRSRAARMYEFSDMAEVELTLEQLANREDGPFVVRLAREPGKRE
SRYMHLFSGEVEDQPAVTDMSNAVDGDLQARVEALEIEVAELKQRLDSLLAHLGD
;
_entity_poly.pdbx_strand_id   A,B
#
# COMPACT_ATOMS: atom_id res chain seq x y z
N MET A 1 4.91 -1.14 -23.39
CA MET A 1 4.82 -2.59 -23.41
C MET A 1 3.49 -3.06 -23.99
N LYS A 2 3.40 -4.33 -24.38
CA LYS A 2 2.16 -4.92 -24.87
C LYS A 2 1.73 -6.02 -23.90
N TYR A 3 0.48 -5.98 -23.48
CA TYR A 3 -0.05 -6.86 -22.43
C TYR A 3 -1.08 -7.80 -23.04
N GLN A 4 -0.77 -9.11 -23.01
CA GLN A 4 -1.71 -10.13 -23.42
C GLN A 4 -1.94 -11.12 -22.28
N LEU A 5 -2.22 -10.60 -21.09
CA LEU A 5 -2.41 -11.44 -19.92
C LEU A 5 -3.63 -12.34 -20.10
N THR A 6 -3.46 -13.63 -19.85
CA THR A 6 -4.57 -14.56 -19.90
C THR A 6 -5.54 -14.26 -18.75
N ALA A 7 -6.66 -14.99 -18.74
CA ALA A 7 -7.57 -14.89 -17.60
C ALA A 7 -6.89 -15.36 -16.32
N LEU A 8 -6.04 -16.38 -16.41
CA LEU A 8 -5.33 -16.86 -15.23
C LEU A 8 -4.26 -15.87 -14.79
N GLU A 9 -3.53 -15.29 -15.74
CA GLU A 9 -2.46 -14.37 -15.38
C GLU A 9 -3.00 -13.08 -14.78
N ALA A 10 -4.13 -12.59 -15.29
CA ALA A 10 -4.73 -11.38 -14.74
C ALA A 10 -5.17 -11.57 -13.30
N ARG A 11 -5.66 -12.76 -12.97
CA ARG A 11 -6.04 -13.04 -11.58
C ARG A 11 -4.82 -13.16 -10.69
N VAL A 12 -3.76 -13.81 -11.17
CA VAL A 12 -2.53 -13.92 -10.39
C VAL A 12 -1.95 -12.54 -10.12
N ILE A 13 -1.87 -11.70 -11.15
CA ILE A 13 -1.37 -10.34 -10.97
C ILE A 13 -2.29 -9.56 -10.05
N GLY A 14 -3.60 -9.72 -10.22
CA GLY A 14 -4.54 -8.98 -9.40
C GLY A 14 -4.44 -9.31 -7.92
N CYS A 15 -4.19 -10.59 -7.61
CA CYS A 15 -4.08 -11.00 -6.21
C CYS A 15 -2.87 -10.37 -5.54
N LEU A 16 -1.71 -10.38 -6.21
CA LEU A 16 -0.51 -9.82 -5.61
C LEU A 16 -0.61 -8.31 -5.47
N LEU A 17 -1.24 -7.65 -6.46
CA LEU A 17 -1.49 -6.22 -6.34
C LEU A 17 -2.44 -5.91 -5.20
N GLU A 18 -3.40 -6.80 -4.94
CA GLU A 18 -4.37 -6.57 -3.87
C GLU A 18 -3.75 -6.77 -2.50
N LYS A 19 -3.10 -7.92 -2.30
CA LYS A 19 -2.52 -8.23 -0.99
C LYS A 19 -1.39 -7.27 -0.64
N GLN A 20 -0.72 -6.68 -1.65
CA GLN A 20 0.32 -5.70 -1.37
C GLN A 20 -0.23 -4.51 -0.61
N VAL A 21 -1.45 -4.11 -0.91
CA VAL A 21 -2.06 -2.95 -0.25
C VAL A 21 -2.92 -3.36 0.93
N THR A 22 -3.73 -4.42 0.78
CA THR A 22 -4.66 -4.80 1.83
C THR A 22 -3.96 -5.49 2.99
N THR A 23 -3.07 -6.44 2.68
CA THR A 23 -2.39 -7.25 3.70
C THR A 23 -0.87 -7.11 3.55
N PRO A 24 -0.31 -5.96 3.97
CA PRO A 24 1.14 -5.79 3.84
C PRO A 24 1.94 -6.69 4.76
N GLU A 25 1.33 -7.26 5.80
CA GLU A 25 2.03 -8.15 6.72
C GLU A 25 2.29 -9.52 6.13
N GLN A 26 1.64 -9.87 5.02
CA GLN A 26 1.85 -11.16 4.37
C GLN A 26 2.42 -11.03 2.97
N TYR A 27 2.83 -9.83 2.57
CA TYR A 27 3.42 -9.59 1.27
C TYR A 27 4.94 -9.47 1.40
N PRO A 28 5.73 -10.11 0.54
CA PRO A 28 5.33 -10.93 -0.62
C PRO A 28 4.66 -12.24 -0.27
N LEU A 29 3.90 -12.79 -1.22
CA LEU A 29 3.13 -14.01 -1.00
C LEU A 29 3.92 -15.23 -1.43
N SER A 30 3.73 -16.32 -0.70
CA SER A 30 4.24 -17.61 -1.12
C SER A 30 3.34 -18.17 -2.23
N VAL A 31 3.71 -19.34 -2.75
CA VAL A 31 2.89 -19.95 -3.80
C VAL A 31 1.52 -20.35 -3.25
N ASN A 32 1.46 -20.74 -1.98
CA ASN A 32 0.16 -21.08 -1.38
C ASN A 32 -0.67 -19.84 -1.12
N GLY A 33 -0.02 -18.74 -0.71
CA GLY A 33 -0.74 -17.49 -0.54
C GLY A 33 -1.35 -16.98 -1.84
N VAL A 34 -0.69 -17.24 -2.97
CA VAL A 34 -1.26 -16.88 -4.26
C VAL A 34 -2.45 -17.78 -4.59
N VAL A 35 -2.30 -19.08 -4.36
CA VAL A 35 -3.40 -20.02 -4.61
C VAL A 35 -4.62 -19.64 -3.78
N THR A 36 -4.41 -19.36 -2.49
CA THR A 36 -5.52 -18.98 -1.63
C THR A 36 -6.21 -17.72 -2.14
N ALA A 37 -5.43 -16.75 -2.63
CA ALA A 37 -6.01 -15.49 -3.06
C ALA A 37 -6.77 -15.64 -4.38
N CYS A 38 -6.27 -16.49 -5.29
CA CYS A 38 -6.97 -16.70 -6.55
C CYS A 38 -8.30 -17.41 -6.35
N ASN A 39 -8.33 -18.40 -5.46
CA ASN A 39 -9.52 -19.20 -5.22
C ASN A 39 -10.43 -18.62 -4.15
N GLN A 40 -10.27 -17.33 -3.82
CA GLN A 40 -11.12 -16.71 -2.81
C GLN A 40 -12.57 -16.69 -3.26
N LYS A 41 -13.48 -16.85 -2.29
CA LYS A 41 -14.91 -16.81 -2.60
CA LYS A 41 -14.90 -16.81 -2.60
C LYS A 41 -15.43 -15.39 -2.67
N THR A 42 -14.80 -14.46 -1.97
CA THR A 42 -15.22 -13.07 -1.96
C THR A 42 -14.28 -12.23 -2.83
N ASN A 43 -14.84 -11.17 -3.41
CA ASN A 43 -14.09 -10.22 -4.23
C ASN A 43 -13.43 -10.87 -5.44
N ARG A 44 -14.08 -11.90 -5.99
CA ARG A 44 -13.54 -12.62 -7.14
C ARG A 44 -14.65 -12.92 -8.13
N GLU A 45 -14.42 -12.59 -9.40
CA GLU A 45 -15.34 -12.93 -10.47
C GLU A 45 -14.56 -13.20 -11.74
N PRO A 46 -14.54 -14.45 -12.24
CA PRO A 46 -15.23 -15.60 -11.65
C PRO A 46 -14.50 -16.21 -10.46
N VAL A 47 -15.21 -17.02 -9.69
CA VAL A 47 -14.59 -17.75 -8.58
C VAL A 47 -13.85 -18.95 -9.14
N MET A 48 -12.56 -19.04 -8.87
CA MET A 48 -11.70 -20.05 -9.46
C MET A 48 -11.35 -21.14 -8.44
N ASN A 49 -10.84 -22.25 -8.96
CA ASN A 49 -10.36 -23.36 -8.16
C ASN A 49 -9.08 -23.90 -8.78
N LEU A 50 -8.06 -23.04 -8.85
CA LEU A 50 -6.81 -23.41 -9.49
C LEU A 50 -5.96 -24.28 -8.58
N SER A 51 -5.31 -25.28 -9.17
CA SER A 51 -4.40 -26.13 -8.42
C SER A 51 -3.15 -25.35 -8.05
N GLU A 52 -2.25 -26.00 -7.30
CA GLU A 52 -0.99 -25.35 -6.96
C GLU A 52 -0.06 -25.31 -8.15
N SER A 53 0.05 -26.43 -8.88
CA SER A 53 0.92 -26.46 -10.05
C SER A 53 0.40 -25.57 -11.17
N GLU A 54 -0.93 -25.44 -11.27
CA GLU A 54 -1.50 -24.49 -12.22
C GLU A 54 -1.07 -23.07 -11.89
N VAL A 55 -1.02 -22.74 -10.60
CA VAL A 55 -0.59 -21.41 -10.18
C VAL A 55 0.93 -21.28 -10.33
N GLN A 56 1.67 -22.35 -10.04
CA GLN A 56 3.12 -22.29 -10.16
C GLN A 56 3.53 -22.06 -11.61
N GLU A 57 2.82 -22.66 -12.56
CA GLU A 57 3.13 -22.44 -13.97
C GLU A 57 2.87 -20.99 -14.36
N GLN A 58 1.80 -20.40 -13.85
CA GLN A 58 1.53 -18.99 -14.13
C GLN A 58 2.59 -18.09 -13.50
N LEU A 59 2.98 -18.39 -12.25
CA LEU A 59 4.00 -17.60 -11.58
C LEU A 59 5.34 -17.70 -12.31
N ASP A 60 5.66 -18.87 -12.85
CA ASP A 60 6.92 -19.03 -13.58
C ASP A 60 6.91 -18.25 -14.88
N ASN A 61 5.77 -18.22 -15.58
CA ASN A 61 5.69 -17.51 -16.84
C ASN A 61 5.79 -16.00 -16.64
N LEU A 62 5.08 -15.46 -15.64
CA LEU A 62 5.10 -14.02 -15.42
C LEU A 62 6.43 -13.55 -14.86
N VAL A 63 7.12 -14.40 -14.10
CA VAL A 63 8.46 -14.05 -13.63
C VAL A 63 9.42 -13.94 -14.81
N LYS A 64 9.26 -14.83 -15.80
CA LYS A 64 10.11 -14.76 -16.99
C LYS A 64 9.74 -13.56 -17.85
N ARG A 65 8.45 -13.26 -17.98
CA ARG A 65 8.01 -12.08 -18.72
CA ARG A 65 7.99 -12.08 -18.72
C ARG A 65 8.21 -10.79 -17.94
N HIS A 66 8.86 -10.85 -16.77
CA HIS A 66 9.18 -9.68 -15.96
C HIS A 66 7.92 -8.96 -15.49
N TYR A 67 6.87 -9.72 -15.20
CA TYR A 67 5.69 -9.20 -14.52
C TYR A 67 5.71 -9.45 -13.02
N LEU A 68 6.50 -10.43 -12.57
CA LEU A 68 6.67 -10.72 -11.15
C LEU A 68 8.15 -10.91 -10.86
N ARG A 69 8.45 -11.10 -9.57
CA ARG A 69 9.83 -11.27 -9.12
C ARG A 69 9.90 -12.39 -8.10
N THR A 70 10.97 -13.17 -8.16
CA THR A 70 11.26 -14.18 -7.15
C THR A 70 12.10 -13.54 -6.05
N VAL A 71 11.60 -13.57 -4.83
CA VAL A 71 12.32 -13.07 -3.66
C VAL A 71 12.80 -14.27 -2.86
N SER A 72 14.12 -14.37 -2.67
CA SER A 72 14.72 -15.50 -1.98
C SER A 72 15.63 -14.97 -0.89
N GLY A 73 15.29 -15.28 0.35
CA GLY A 73 16.11 -14.90 1.49
C GLY A 73 16.95 -16.06 1.99
N PHE A 74 18.00 -15.71 2.74
CA PHE A 74 18.86 -16.73 3.32
C PHE A 74 18.11 -17.51 4.38
N GLY A 75 18.42 -18.80 4.50
CA GLY A 75 17.86 -19.66 5.52
C GLY A 75 16.42 -20.05 5.30
N ASN A 76 15.68 -19.37 4.43
CA ASN A 76 14.28 -19.66 4.16
C ASN A 76 14.16 -20.24 2.76
N ARG A 77 13.62 -21.46 2.68
CA ARG A 77 13.45 -22.13 1.40
C ARG A 77 12.13 -21.78 0.72
N VAL A 78 11.19 -21.17 1.44
CA VAL A 78 9.90 -20.80 0.85
C VAL A 78 10.11 -19.59 -0.06
N THR A 79 9.86 -19.77 -1.35
CA THR A 79 10.00 -18.69 -2.31
C THR A 79 8.76 -17.79 -2.28
N LYS A 80 8.97 -16.50 -2.14
CA LYS A 80 7.91 -15.51 -2.16
C LYS A 80 7.90 -14.77 -3.50
N TYR A 81 6.78 -14.11 -3.78
CA TYR A 81 6.57 -13.47 -5.08
C TYR A 81 6.12 -12.04 -4.88
N GLU A 82 6.83 -11.09 -5.47
CA GLU A 82 6.44 -9.70 -5.52
C GLU A 82 6.01 -9.34 -6.95
N GLN A 83 5.29 -8.23 -7.06
CA GLN A 83 4.76 -7.81 -8.36
C GLN A 83 5.72 -6.84 -9.04
N ARG A 84 6.03 -7.12 -10.30
CA ARG A 84 6.76 -6.22 -11.18
C ARG A 84 5.84 -5.46 -12.10
N PHE A 85 4.53 -5.52 -11.85
CA PHE A 85 3.55 -5.01 -12.80
C PHE A 85 3.55 -3.48 -12.86
N CYS A 86 3.68 -2.82 -11.71
CA CYS A 86 3.64 -1.36 -11.69
C CYS A 86 4.51 -0.84 -10.56
N ASN A 87 4.97 0.40 -10.73
CA ASN A 87 5.70 1.14 -9.70
C ASN A 87 6.93 0.37 -9.22
N SER A 88 7.71 -0.13 -10.18
CA SER A 88 9.00 -0.74 -9.91
C SER A 88 10.11 0.23 -10.29
N GLU A 89 11.35 -0.23 -10.20
CA GLU A 89 12.45 0.69 -10.47
C GLU A 89 12.82 0.72 -11.96
N PHE A 90 12.97 -0.44 -12.59
CA PHE A 90 13.25 -0.47 -14.03
C PHE A 90 11.98 -0.29 -14.85
N GLY A 91 10.86 -0.83 -14.38
CA GLY A 91 9.63 -0.76 -15.16
C GLY A 91 9.15 0.66 -15.36
N ASP A 92 8.44 0.86 -16.47
CA ASP A 92 7.97 2.19 -16.87
C ASP A 92 6.54 2.50 -16.43
N LEU A 93 5.73 1.47 -16.19
CA LEU A 93 4.33 1.69 -15.83
C LEU A 93 4.24 2.24 -14.41
N LYS A 94 3.82 3.49 -14.29
CA LYS A 94 3.62 4.13 -12.99
C LYS A 94 2.12 4.33 -12.78
N LEU A 95 1.64 3.97 -11.60
CA LEU A 95 0.22 4.07 -11.27
C LEU A 95 0.07 4.67 -9.88
N SER A 96 -0.84 5.63 -9.75
CA SER A 96 -1.16 6.18 -8.44
C SER A 96 -1.89 5.13 -7.60
N ALA A 97 -2.05 5.45 -6.31
CA ALA A 97 -2.77 4.55 -5.41
C ALA A 97 -4.21 4.36 -5.89
N ALA A 98 -4.81 5.42 -6.43
CA ALA A 98 -6.17 5.30 -6.96
C ALA A 98 -6.20 4.46 -8.24
N GLU A 99 -5.18 4.60 -9.09
CA GLU A 99 -5.14 3.81 -10.32
C GLU A 99 -4.84 2.35 -10.04
N VAL A 100 -3.96 2.07 -9.08
CA VAL A 100 -3.69 0.69 -8.68
C VAL A 100 -4.97 0.05 -8.13
N ALA A 101 -5.70 0.78 -7.30
CA ALA A 101 -6.92 0.24 -6.72
C ALA A 101 -7.96 -0.09 -7.79
N LEU A 102 -8.13 0.78 -8.77
CA LEU A 102 -9.15 0.55 -9.79
C LEU A 102 -8.75 -0.56 -10.75
N ILE A 103 -7.47 -0.60 -11.14
CA ILE A 103 -7.03 -1.64 -12.07
C ILE A 103 -7.07 -3.01 -11.41
N THR A 104 -6.69 -3.08 -10.14
CA THR A 104 -6.72 -4.35 -9.42
C THR A 104 -8.13 -4.91 -9.32
N THR A 105 -9.08 -4.05 -8.94
CA THR A 105 -10.47 -4.49 -8.86
C THR A 105 -11.01 -4.88 -10.22
N LEU A 106 -10.55 -4.21 -11.29
CA LEU A 106 -10.98 -4.59 -12.63
C LEU A 106 -10.35 -5.91 -13.06
N LEU A 107 -9.09 -6.15 -12.67
CA LEU A 107 -8.45 -7.42 -12.99
C LEU A 107 -9.14 -8.58 -12.29
N LEU A 108 -9.59 -8.37 -11.05
CA LEU A 108 -10.10 -9.45 -10.23
C LEU A 108 -11.58 -9.73 -10.43
N ARG A 109 -12.38 -8.74 -10.82
CA ARG A 109 -13.82 -8.92 -10.89
C ARG A 109 -14.44 -8.47 -12.21
N GLY A 110 -13.63 -8.20 -13.23
CA GLY A 110 -14.17 -7.99 -14.57
C GLY A 110 -14.78 -6.61 -14.76
N ALA A 111 -15.63 -6.53 -15.79
CA ALA A 111 -16.25 -5.27 -16.19
C ALA A 111 -17.13 -4.73 -15.08
N GLN A 112 -16.86 -3.50 -14.65
CA GLN A 112 -17.55 -2.94 -13.51
C GLN A 112 -17.86 -1.46 -13.73
N THR A 113 -18.82 -0.98 -12.95
CA THR A 113 -19.40 0.36 -12.93
C THR A 113 -18.59 1.27 -12.00
N PRO A 114 -18.50 2.57 -12.29
CA PRO A 114 -17.83 3.49 -11.35
C PRO A 114 -18.41 3.43 -9.95
N GLY A 115 -19.75 3.43 -9.82
CA GLY A 115 -20.34 3.27 -8.51
C GLY A 115 -20.03 1.93 -7.89
N GLU A 116 -19.91 0.88 -8.72
CA GLU A 116 -19.46 -0.41 -8.21
C GLU A 116 -18.01 -0.35 -7.76
N LEU A 117 -17.14 0.17 -8.62
CA LEU A 117 -15.70 0.17 -8.33
C LEU A 117 -15.39 0.93 -7.05
N ARG A 118 -16.15 1.98 -6.74
CA ARG A 118 -15.86 2.76 -5.54
C ARG A 118 -16.07 1.93 -4.27
N SER A 119 -17.16 1.17 -4.22
CA SER A 119 -17.44 0.39 -3.03
C SER A 119 -16.44 -0.76 -2.86
N ARG A 120 -15.99 -1.33 -3.98
CA ARG A 120 -15.20 -2.55 -3.95
C ARG A 120 -13.69 -2.30 -3.95
N ALA A 121 -13.25 -1.10 -4.32
CA ALA A 121 -11.84 -0.76 -4.31
C ALA A 121 -11.48 0.18 -3.16
N ALA A 122 -12.39 0.40 -2.22
CA ALA A 122 -12.14 1.35 -1.14
C ALA A 122 -11.02 0.88 -0.22
N ARG A 123 -10.89 -0.44 0.00
CA ARG A 123 -9.85 -0.93 0.89
C ARG A 123 -8.46 -0.78 0.28
N MET A 124 -8.37 -0.54 -1.02
CA MET A 124 -7.10 -0.18 -1.65
C MET A 124 -6.95 1.31 -1.90
N TYR A 125 -8.07 2.05 -1.95
CA TYR A 125 -8.05 3.50 -2.01
C TYR A 125 -9.44 4.07 -1.74
N GLU A 126 -9.57 4.86 -0.68
CA GLU A 126 -10.84 5.52 -0.38
C GLU A 126 -10.98 6.76 -1.25
N PHE A 127 -11.98 6.76 -2.12
CA PHE A 127 -12.20 7.89 -3.02
C PHE A 127 -13.02 8.97 -2.32
N SER A 128 -12.66 10.23 -2.59
CA SER A 128 -13.39 11.35 -1.99
C SER A 128 -14.83 11.37 -2.48
N ASP A 129 -15.02 11.53 -3.79
CA ASP A 129 -16.33 11.44 -4.41
CA ASP A 129 -16.32 11.49 -4.44
C ASP A 129 -16.24 10.60 -5.67
N MET A 130 -17.41 10.25 -6.20
CA MET A 130 -17.47 9.44 -7.41
CA MET A 130 -17.47 9.44 -7.41
C MET A 130 -16.82 10.15 -8.59
N ALA A 131 -16.69 11.48 -8.52
CA ALA A 131 -15.93 12.19 -9.55
C ALA A 131 -14.47 11.74 -9.55
N GLU A 132 -13.92 11.42 -8.38
CA GLU A 132 -12.58 10.84 -8.32
C GLU A 132 -12.53 9.50 -9.04
N VAL A 133 -13.58 8.68 -8.87
CA VAL A 133 -13.61 7.38 -9.54
C VAL A 133 -13.64 7.56 -11.05
N GLU A 134 -14.51 8.46 -11.53
CA GLU A 134 -14.60 8.71 -12.96
C GLU A 134 -13.38 9.46 -13.47
N LEU A 135 -12.79 10.34 -12.65
CA LEU A 135 -11.57 11.02 -13.07
C LEU A 135 -10.41 10.04 -13.21
N THR A 136 -10.27 9.11 -12.25
CA THR A 136 -9.21 8.11 -12.34
C THR A 136 -9.41 7.21 -13.54
N LEU A 137 -10.65 6.78 -13.79
CA LEU A 137 -10.92 5.94 -14.95
C LEU A 137 -10.65 6.70 -16.25
N GLU A 138 -11.09 7.96 -16.33
CA GLU A 138 -10.85 8.75 -17.54
C GLU A 138 -9.36 9.05 -17.72
N GLN A 139 -8.61 9.09 -16.62
CA GLN A 139 -7.16 9.24 -16.74
CA GLN A 139 -7.15 9.23 -16.73
C GLN A 139 -6.55 8.01 -17.41
N LEU A 140 -6.90 6.82 -16.94
CA LEU A 140 -6.36 5.57 -17.49
C LEU A 140 -6.69 5.39 -18.96
N ALA A 141 -7.74 6.05 -19.45
CA ALA A 141 -8.12 5.92 -20.86
C ALA A 141 -7.41 6.92 -21.76
N ASN A 142 -7.00 8.07 -21.22
CA ASN A 142 -6.43 9.14 -22.02
C ASN A 142 -4.91 9.26 -21.87
N ARG A 143 -4.30 8.42 -21.04
CA ARG A 143 -2.84 8.46 -20.90
C ARG A 143 -2.16 8.08 -22.20
N GLU A 144 -1.02 8.73 -22.48
CA GLU A 144 -0.32 8.48 -23.73
C GLU A 144 0.57 7.25 -23.69
N ASP A 145 0.80 6.67 -22.51
CA ASP A 145 1.47 5.37 -22.43
C ASP A 145 0.54 4.20 -22.70
N GLY A 146 -0.62 4.47 -23.30
CA GLY A 146 -1.55 3.44 -23.67
C GLY A 146 -2.87 3.54 -22.92
N PRO A 147 -3.98 3.25 -23.59
CA PRO A 147 -5.26 3.15 -22.89
C PRO A 147 -5.27 1.93 -22.00
N PHE A 148 -5.52 2.13 -20.71
CA PHE A 148 -5.52 1.05 -19.74
C PHE A 148 -6.90 0.52 -19.43
N VAL A 149 -7.91 1.39 -19.42
CA VAL A 149 -9.30 0.98 -19.25
C VAL A 149 -10.09 1.44 -20.45
N VAL A 150 -11.21 0.76 -20.69
CA VAL A 150 -12.15 1.13 -21.74
C VAL A 150 -13.51 1.28 -21.11
N ARG A 151 -14.29 2.24 -21.60
CA ARG A 151 -15.64 2.47 -21.12
C ARG A 151 -16.63 1.87 -22.11
N LEU A 152 -17.46 0.96 -21.63
CA LEU A 152 -18.38 0.22 -22.48
C LEU A 152 -19.67 1.02 -22.71
N ALA A 153 -20.51 0.52 -23.61
CA ALA A 153 -21.82 1.10 -23.82
C ALA A 153 -22.77 0.69 -22.70
N ARG A 154 -23.72 1.57 -22.41
CA ARG A 154 -24.62 1.35 -21.30
C ARG A 154 -25.67 0.30 -21.63
N GLU A 155 -25.92 -0.60 -20.68
CA GLU A 155 -26.99 -1.58 -20.82
C GLU A 155 -28.34 -0.88 -20.74
N PRO A 156 -29.43 -1.53 -21.23
CA PRO A 156 -30.72 -0.85 -21.42
C PRO A 156 -31.12 0.18 -20.37
N GLY A 157 -31.26 -0.24 -19.11
CA GLY A 157 -31.77 0.65 -18.09
C GLY A 157 -30.73 1.49 -17.38
N LYS A 158 -29.47 1.04 -17.39
CA LYS A 158 -28.41 1.73 -16.65
C LYS A 158 -28.25 3.17 -17.10
N ARG A 159 -27.96 4.04 -16.13
CA ARG A 159 -27.47 5.38 -16.41
C ARG A 159 -25.97 5.53 -16.15
N GLU A 160 -25.31 4.45 -15.74
CA GLU A 160 -23.86 4.35 -15.67
C GLU A 160 -23.35 3.27 -16.62
N SER A 161 -22.17 3.49 -17.17
CA SER A 161 -21.50 2.53 -18.03
C SER A 161 -20.48 1.73 -17.22
N ARG A 162 -20.13 0.56 -17.74
CA ARG A 162 -19.10 -0.26 -17.13
C ARG A 162 -17.75 0.02 -17.78
N TYR A 163 -16.70 -0.14 -16.98
CA TYR A 163 -15.33 -0.04 -17.45
C TYR A 163 -14.64 -1.38 -17.33
N MET A 164 -13.68 -1.63 -18.22
CA MET A 164 -12.91 -2.86 -18.20
C MET A 164 -11.47 -2.54 -18.55
N HIS A 165 -10.53 -3.22 -17.90
CA HIS A 165 -9.12 -3.02 -18.18
C HIS A 165 -8.78 -3.56 -19.58
N LEU A 166 -7.63 -3.12 -20.09
CA LEU A 166 -7.19 -3.47 -21.43
C LEU A 166 -5.93 -4.32 -21.44
N PHE A 167 -5.51 -4.83 -20.28
CA PHE A 167 -4.29 -5.62 -20.20
C PHE A 167 -4.48 -7.08 -20.59
N SER A 168 -5.72 -7.51 -20.84
CA SER A 168 -6.01 -8.86 -21.29
C SER A 168 -6.33 -8.92 -22.78
N GLY A 169 -6.05 -7.85 -23.52
CA GLY A 169 -6.20 -7.88 -24.96
C GLY A 169 -7.44 -7.19 -25.49
N GLU A 170 -8.23 -7.92 -26.26
CA GLU A 170 -9.39 -7.35 -26.94
CA GLU A 170 -9.39 -7.36 -26.94
C GLU A 170 -10.61 -7.35 -26.04
N VAL A 171 -11.35 -6.24 -26.12
CA VAL A 171 -12.57 -5.98 -25.39
C VAL A 171 -13.61 -5.50 -26.40
N GLU A 172 -14.85 -5.99 -26.33
CA GLU A 172 -15.89 -5.60 -27.26
C GLU A 172 -17.13 -5.16 -26.49
N ASP A 173 -18.10 -4.63 -27.22
CA ASP A 173 -19.38 -4.25 -26.62
C ASP A 173 -20.47 -5.26 -26.98
N MET B 1 13.99 -6.78 18.57
CA MET B 1 14.75 -5.70 19.17
C MET B 1 13.85 -4.55 19.59
N LYS B 2 14.42 -3.58 20.32
CA LYS B 2 13.68 -2.42 20.81
C LYS B 2 14.23 -1.15 20.17
N TYR B 3 13.34 -0.17 19.99
CA TYR B 3 13.64 1.06 19.29
C TYR B 3 13.49 2.25 20.22
N GLN B 4 14.40 3.24 20.07
CA GLN B 4 14.23 4.57 20.63
C GLN B 4 14.72 5.56 19.57
N LEU B 5 13.95 5.68 18.49
CA LEU B 5 14.28 6.60 17.42
C LEU B 5 14.15 8.04 17.89
N THR B 6 15.14 8.87 17.58
CA THR B 6 15.03 10.28 17.86
C THR B 6 13.90 10.89 17.03
N ALA B 7 13.52 12.11 17.40
CA ALA B 7 12.39 12.75 16.72
C ALA B 7 12.70 13.03 15.25
N LEU B 8 13.97 13.13 14.88
CA LEU B 8 14.31 13.35 13.47
C LEU B 8 14.15 12.07 12.66
N GLU B 9 14.71 10.96 13.15
CA GLU B 9 14.60 9.71 12.40
C GLU B 9 13.19 9.14 12.46
N ALA B 10 12.46 9.39 13.55
CA ALA B 10 11.05 9.01 13.58
C ALA B 10 10.27 9.73 12.49
N ARG B 11 10.64 10.97 12.19
CA ARG B 11 10.03 11.69 11.07
C ARG B 11 10.45 11.10 9.74
N VAL B 12 11.73 10.79 9.57
CA VAL B 12 12.22 10.19 8.34
C VAL B 12 11.59 8.80 8.15
N ILE B 13 11.53 8.01 9.23
CA ILE B 13 10.88 6.71 9.15
C ILE B 13 9.40 6.86 8.80
N GLY B 14 8.74 7.84 9.42
CA GLY B 14 7.33 8.07 9.12
C GLY B 14 7.07 8.54 7.71
N CYS B 15 8.00 9.31 7.14
CA CYS B 15 7.82 9.79 5.77
C CYS B 15 7.87 8.65 4.77
N LEU B 16 8.84 7.74 4.93
CA LEU B 16 8.94 6.60 4.02
C LEU B 16 7.79 5.63 4.21
N LEU B 17 7.28 5.50 5.43
CA LEU B 17 6.08 4.69 5.65
C LEU B 17 4.87 5.32 5.00
N GLU B 18 4.81 6.65 4.99
CA GLU B 18 3.64 7.34 4.43
C GLU B 18 3.64 7.27 2.90
N LYS B 19 4.74 7.67 2.27
CA LYS B 19 4.79 7.69 0.81
C LYS B 19 4.71 6.30 0.21
N GLN B 20 5.07 5.26 0.96
CA GLN B 20 4.96 3.90 0.44
C GLN B 20 3.50 3.51 0.20
N VAL B 21 2.58 4.06 0.98
CA VAL B 21 1.17 3.73 0.88
C VAL B 21 0.40 4.78 0.09
N THR B 22 0.70 6.07 0.31
CA THR B 22 -0.09 7.13 -0.31
C THR B 22 0.35 7.38 -1.76
N THR B 23 1.65 7.38 -2.03
CA THR B 23 2.19 7.66 -3.36
C THR B 23 3.12 6.52 -3.77
N PRO B 24 2.58 5.38 -4.17
CA PRO B 24 3.44 4.26 -4.58
C PRO B 24 4.20 4.49 -5.87
N GLU B 25 3.84 5.50 -6.66
CA GLU B 25 4.54 5.79 -7.91
C GLU B 25 5.85 6.53 -7.69
N GLN B 26 6.08 7.07 -6.48
CA GLN B 26 7.35 7.73 -6.16
C GLN B 26 8.16 6.97 -5.12
N TYR B 27 7.63 5.87 -4.60
CA TYR B 27 8.36 5.00 -3.67
C TYR B 27 9.16 3.98 -4.47
N PRO B 28 10.44 3.74 -4.14
CA PRO B 28 11.20 4.33 -3.02
C PRO B 28 11.64 5.78 -3.25
N LEU B 29 11.77 6.53 -2.16
CA LEU B 29 12.14 7.93 -2.24
C LEU B 29 13.65 8.09 -2.36
N SER B 30 14.06 9.13 -3.06
CA SER B 30 15.47 9.51 -3.12
C SER B 30 15.78 10.38 -1.90
N VAL B 31 17.01 10.91 -1.85
CA VAL B 31 17.37 11.79 -0.73
C VAL B 31 16.56 13.08 -0.78
N ASN B 32 16.26 13.58 -1.99
CA ASN B 32 15.44 14.78 -2.11
C ASN B 32 13.99 14.50 -1.73
N GLY B 33 13.48 13.32 -2.06
CA GLY B 33 12.13 12.96 -1.66
C GLY B 33 11.97 12.88 -0.16
N VAL B 34 13.01 12.44 0.54
CA VAL B 34 12.97 12.40 2.00
C VAL B 34 13.02 13.81 2.58
N VAL B 35 13.86 14.68 2.00
CA VAL B 35 13.95 16.05 2.47
C VAL B 35 12.61 16.75 2.31
N THR B 36 11.99 16.62 1.14
CA THR B 36 10.71 17.28 0.89
C THR B 36 9.62 16.73 1.81
N ALA B 37 9.59 15.41 2.00
CA ALA B 37 8.56 14.81 2.84
C ALA B 37 8.69 15.22 4.30
N CYS B 38 9.92 15.46 4.77
CA CYS B 38 10.11 15.88 6.16
C CYS B 38 9.69 17.32 6.37
N ASN B 39 9.86 18.18 5.36
CA ASN B 39 9.60 19.61 5.48
C ASN B 39 8.24 20.00 4.93
N GLN B 40 7.29 19.06 4.88
CA GLN B 40 5.96 19.37 4.38
C GLN B 40 5.21 20.27 5.35
N LYS B 41 4.34 21.12 4.80
CA LYS B 41 3.55 22.02 5.63
C LYS B 41 2.30 21.36 6.19
N THR B 42 1.85 20.25 5.59
CA THR B 42 0.65 19.56 6.03
C THR B 42 1.00 18.18 6.58
N ASN B 43 0.18 17.71 7.51
CA ASN B 43 0.31 16.38 8.12
C ASN B 43 1.66 16.21 8.82
N ARG B 44 2.23 17.30 9.33
CA ARG B 44 3.53 17.26 9.99
C ARG B 44 3.47 18.12 11.25
N GLU B 45 3.69 17.49 12.40
CA GLU B 45 3.73 18.20 13.68
C GLU B 45 4.95 17.70 14.45
N PRO B 46 5.96 18.55 14.69
CA PRO B 46 6.00 19.94 14.24
C PRO B 46 6.49 20.10 12.81
N VAL B 47 6.19 21.23 12.19
CA VAL B 47 6.68 21.50 10.84
C VAL B 47 8.16 21.82 10.91
N MET B 48 8.96 21.06 10.17
CA MET B 48 10.41 21.17 10.21
C MET B 48 10.94 21.59 8.85
N ASN B 49 12.21 22.01 8.83
CA ASN B 49 12.93 22.39 7.60
C ASN B 49 14.36 21.89 7.75
N LEU B 50 14.58 20.63 7.39
CA LEU B 50 15.87 19.97 7.61
C LEU B 50 16.82 20.20 6.44
N SER B 51 18.11 20.19 6.76
CA SER B 51 19.13 20.24 5.73
C SER B 51 19.13 18.95 4.92
N GLU B 52 19.72 19.02 3.73
CA GLU B 52 19.90 17.81 2.93
C GLU B 52 20.89 16.87 3.58
N SER B 53 22.02 17.42 4.04
CA SER B 53 23.00 16.62 4.77
C SER B 53 22.49 16.18 6.13
N GLU B 54 21.45 16.83 6.65
CA GLU B 54 20.91 16.45 7.95
C GLU B 54 20.18 15.11 7.86
N VAL B 55 19.29 14.97 6.89
CA VAL B 55 18.57 13.70 6.74
C VAL B 55 19.47 12.62 6.18
N GLN B 56 20.50 13.02 5.42
CA GLN B 56 21.47 12.03 4.93
C GLN B 56 22.21 11.39 6.10
N GLU B 57 22.53 12.18 7.12
CA GLU B 57 23.08 11.61 8.34
C GLU B 57 22.10 10.65 8.99
N GLN B 58 20.80 10.97 8.93
CA GLN B 58 19.80 10.09 9.52
C GLN B 58 19.46 8.91 8.62
N LEU B 59 19.55 9.08 7.30
CA LEU B 59 19.35 7.96 6.41
C LEU B 59 20.46 6.92 6.58
N ASP B 60 21.70 7.37 6.75
CA ASP B 60 22.82 6.44 6.86
C ASP B 60 22.80 5.70 8.20
N ASN B 61 22.47 6.40 9.28
CA ASN B 61 22.40 5.75 10.58
C ASN B 61 21.28 4.72 10.62
N LEU B 62 20.13 5.04 10.03
CA LEU B 62 19.04 4.08 9.97
C LEU B 62 19.36 2.91 9.05
N VAL B 63 20.27 3.10 8.09
CA VAL B 63 20.70 2.00 7.22
C VAL B 63 21.58 1.03 8.02
N LYS B 64 22.54 1.57 8.77
CA LYS B 64 23.44 0.72 9.54
C LYS B 64 22.68 -0.06 10.61
N ARG B 65 21.64 0.53 11.20
CA ARG B 65 20.76 -0.19 12.11
C ARG B 65 19.78 -1.08 11.39
N HIS B 66 19.83 -1.13 10.06
CA HIS B 66 19.01 -2.03 9.24
C HIS B 66 17.52 -1.71 9.32
N TYR B 67 17.17 -0.45 9.60
CA TYR B 67 15.78 -0.02 9.51
C TYR B 67 15.44 0.51 8.14
N LEU B 68 16.45 0.86 7.34
CA LEU B 68 16.30 1.23 5.95
C LEU B 68 17.28 0.41 5.12
N ARG B 69 17.05 0.41 3.81
CA ARG B 69 17.95 -0.25 2.88
C ARG B 69 18.09 0.61 1.63
N THR B 70 19.30 0.62 1.08
CA THR B 70 19.61 1.47 -0.07
C THR B 70 19.40 0.70 -1.36
N VAL B 71 18.67 1.31 -2.29
CA VAL B 71 18.43 0.75 -3.61
C VAL B 71 19.06 1.69 -4.64
N SER B 72 19.83 1.12 -5.56
CA SER B 72 20.54 1.89 -6.57
C SER B 72 19.75 1.89 -7.87
N GLY B 73 19.34 3.07 -8.31
CA GLY B 73 18.61 3.21 -9.56
C GLY B 73 19.51 3.56 -10.73
N ARG B 77 22.42 6.36 -11.03
CA ARG B 77 23.37 6.78 -10.01
C ARG B 77 22.66 7.20 -8.73
N VAL B 78 21.40 7.62 -8.87
CA VAL B 78 20.63 8.08 -7.74
C VAL B 78 20.37 6.93 -6.78
N THR B 79 20.53 7.19 -5.49
CA THR B 79 20.29 6.19 -4.45
C THR B 79 18.93 6.47 -3.80
N LYS B 80 18.05 5.48 -3.85
CA LYS B 80 16.73 5.56 -3.24
C LYS B 80 16.67 4.68 -2.01
N TYR B 81 15.75 5.01 -1.11
CA TYR B 81 15.67 4.38 0.21
C TYR B 81 14.32 3.71 0.37
N GLU B 82 14.34 2.44 0.78
CA GLU B 82 13.14 1.68 1.11
C GLU B 82 13.12 1.41 2.61
N GLN B 83 11.92 1.44 3.19
CA GLN B 83 11.78 1.17 4.61
C GLN B 83 11.88 -0.32 4.87
N ARG B 84 12.70 -0.69 5.86
CA ARG B 84 12.77 -2.05 6.36
C ARG B 84 12.35 -2.09 7.83
N PHE B 85 11.55 -1.12 8.24
CA PHE B 85 11.10 -1.04 9.62
C PHE B 85 10.04 -2.09 9.93
N CYS B 86 9.19 -2.41 8.96
CA CYS B 86 8.12 -3.37 9.17
C CYS B 86 7.75 -4.03 7.85
N ASN B 87 7.24 -5.25 7.94
CA ASN B 87 6.69 -5.99 6.80
C ASN B 87 7.74 -6.20 5.71
N SER B 88 8.93 -6.63 6.14
CA SER B 88 9.96 -7.05 5.21
C SER B 88 9.98 -8.57 5.13
N GLU B 89 10.96 -9.12 4.41
CA GLU B 89 11.08 -10.55 4.23
C GLU B 89 11.97 -11.20 5.28
N PHE B 90 12.42 -10.44 6.28
CA PHE B 90 13.35 -10.94 7.27
C PHE B 90 13.06 -10.37 8.65
N GLY B 91 12.63 -9.11 8.70
CA GLY B 91 12.40 -8.45 9.98
C GLY B 91 11.24 -9.08 10.74
N ASP B 92 11.35 -9.03 12.07
CA ASP B 92 10.34 -9.63 12.92
C ASP B 92 9.09 -8.77 13.07
N LEU B 93 9.20 -7.46 12.83
CA LEU B 93 8.07 -6.57 13.04
C LEU B 93 7.14 -6.66 11.84
N LYS B 94 5.94 -7.21 12.07
CA LYS B 94 4.91 -7.32 11.05
C LYS B 94 3.70 -6.52 11.50
N LEU B 95 3.27 -5.58 10.66
CA LEU B 95 2.15 -4.70 10.95
C LEU B 95 1.06 -4.86 9.91
N SER B 96 -0.19 -4.72 10.35
CA SER B 96 -1.30 -4.69 9.42
C SER B 96 -1.40 -3.31 8.78
N ALA B 97 -2.18 -3.23 7.70
CA ALA B 97 -2.37 -1.95 7.02
C ALA B 97 -2.95 -0.91 7.97
N ALA B 98 -3.87 -1.32 8.86
CA ALA B 98 -4.40 -0.40 9.85
C ALA B 98 -3.34 -0.02 10.88
N GLU B 99 -2.47 -0.97 11.23
CA GLU B 99 -1.45 -0.67 12.23
C GLU B 99 -0.36 0.24 11.69
N VAL B 100 0.02 0.07 10.41
CA VAL B 100 0.98 0.97 9.79
C VAL B 100 0.42 2.38 9.72
N ALA B 101 -0.87 2.51 9.43
CA ALA B 101 -1.50 3.82 9.32
C ALA B 101 -1.47 4.56 10.65
N LEU B 102 -1.86 3.88 11.72
CA LEU B 102 -1.85 4.52 13.04
C LEU B 102 -0.44 4.81 13.51
N ILE B 103 0.49 3.88 13.28
CA ILE B 103 1.86 4.08 13.73
C ILE B 103 2.50 5.22 12.94
N THR B 104 2.30 5.26 11.61
CA THR B 104 2.90 6.31 10.80
C THR B 104 2.36 7.68 11.19
N THR B 105 1.05 7.79 11.39
CA THR B 105 0.47 9.08 11.75
C THR B 105 0.91 9.52 13.15
N LEU B 106 1.23 8.57 14.03
CA LEU B 106 1.72 8.94 15.35
C LEU B 106 3.17 9.43 15.30
N LEU B 107 4.00 8.81 14.46
CA LEU B 107 5.38 9.26 14.35
C LEU B 107 5.48 10.64 13.71
N LEU B 108 4.59 10.93 12.75
CA LEU B 108 4.66 12.19 12.02
C LEU B 108 3.95 13.32 12.76
N ARG B 109 2.91 13.01 13.53
CA ARG B 109 2.07 14.03 14.15
C ARG B 109 2.06 13.97 15.67
N GLY B 110 2.90 13.13 16.27
CA GLY B 110 2.96 13.09 17.72
C GLY B 110 1.72 12.46 18.35
N ALA B 111 1.48 12.85 19.61
CA ALA B 111 0.38 12.28 20.37
C ALA B 111 -0.95 12.80 19.86
N GLN B 112 -1.85 11.87 19.50
CA GLN B 112 -3.18 12.22 19.02
C GLN B 112 -4.19 11.28 19.65
N THR B 113 -5.47 11.60 19.45
CA THR B 113 -6.61 10.87 19.95
C THR B 113 -7.24 10.03 18.84
N PRO B 114 -7.93 8.93 19.19
CA PRO B 114 -8.60 8.12 18.17
C PRO B 114 -9.47 8.91 17.21
N GLY B 115 -10.13 9.96 17.69
CA GLY B 115 -10.90 10.81 16.79
C GLY B 115 -10.04 11.49 15.74
N GLU B 116 -8.86 11.96 16.14
CA GLU B 116 -7.94 12.55 15.18
C GLU B 116 -7.37 11.49 14.25
N LEU B 117 -6.85 10.41 14.82
CA LEU B 117 -6.21 9.36 14.02
C LEU B 117 -7.14 8.77 12.97
N ARG B 118 -8.45 8.86 13.17
CA ARG B 118 -9.38 8.31 12.18
C ARG B 118 -9.31 9.09 10.87
N SER B 119 -9.35 10.42 10.94
CA SER B 119 -9.35 11.22 9.73
C SER B 119 -7.93 11.44 9.20
N ARG B 120 -6.95 11.57 10.11
CA ARG B 120 -5.59 11.91 9.70
C ARG B 120 -4.83 10.72 9.15
N ALA B 121 -5.27 9.50 9.43
CA ALA B 121 -4.71 8.30 8.83
C ALA B 121 -5.64 7.65 7.82
N ALA B 122 -6.70 8.35 7.41
CA ALA B 122 -7.72 7.73 6.56
C ALA B 122 -7.18 7.39 5.18
N ARG B 123 -6.14 8.10 4.73
CA ARG B 123 -5.57 7.83 3.42
C ARG B 123 -4.50 6.76 3.44
N MET B 124 -4.01 6.36 4.61
CA MET B 124 -3.18 5.17 4.73
C MET B 124 -3.98 3.94 5.12
N TYR B 125 -5.15 4.15 5.74
CA TYR B 125 -6.11 3.08 5.99
C TYR B 125 -7.46 3.69 6.36
N GLU B 126 -8.49 3.39 5.57
CA GLU B 126 -9.82 3.92 5.84
C GLU B 126 -10.48 3.08 6.93
N PHE B 127 -10.68 3.69 8.10
CA PHE B 127 -11.36 3.01 9.19
C PHE B 127 -12.87 3.11 9.02
N SER B 128 -13.55 1.96 9.05
CA SER B 128 -14.99 1.95 8.83
C SER B 128 -15.73 2.61 9.99
N ASP B 129 -15.24 2.42 11.22
CA ASP B 129 -15.88 2.98 12.40
C ASP B 129 -14.81 3.41 13.39
N MET B 130 -15.20 4.29 14.32
CA MET B 130 -14.30 4.76 15.36
C MET B 130 -14.05 3.71 16.43
N ALA B 131 -14.68 2.54 16.32
CA ALA B 131 -14.29 1.41 17.15
C ALA B 131 -13.06 0.72 16.60
N GLU B 132 -12.95 0.64 15.26
CA GLU B 132 -11.81 -0.03 14.64
C GLU B 132 -10.51 0.69 14.95
N VAL B 133 -10.51 2.03 14.91
CA VAL B 133 -9.33 2.79 15.32
C VAL B 133 -9.03 2.53 16.79
N GLU B 134 -10.06 2.21 17.57
CA GLU B 134 -9.90 1.97 19.00
C GLU B 134 -9.37 0.56 19.28
N LEU B 135 -9.77 -0.43 18.48
CA LEU B 135 -9.24 -1.77 18.64
C LEU B 135 -7.82 -1.89 18.08
N THR B 136 -7.54 -1.21 16.97
CA THR B 136 -6.21 -1.25 16.38
C THR B 136 -5.17 -0.65 17.32
N LEU B 137 -5.54 0.42 18.02
CA LEU B 137 -4.61 1.02 18.98
C LEU B 137 -4.40 0.13 20.19
N GLU B 138 -5.47 -0.53 20.67
CA GLU B 138 -5.32 -1.44 21.80
C GLU B 138 -4.44 -2.62 21.46
N GLN B 139 -4.59 -3.15 20.26
CA GLN B 139 -3.82 -4.28 19.80
C GLN B 139 -2.33 -3.97 19.76
N LEU B 140 -2.02 -2.77 19.35
CA LEU B 140 -0.64 -2.31 19.35
C LEU B 140 -0.05 -2.25 20.75
N ALA B 141 -0.91 -2.16 21.77
CA ALA B 141 -0.45 -1.99 23.15
C ALA B 141 -0.46 -3.28 23.97
N ASN B 142 -1.20 -4.31 23.52
CA ASN B 142 -1.22 -5.60 24.19
C ASN B 142 -0.46 -6.68 23.43
N ARG B 143 0.35 -6.30 22.49
CA ARG B 143 1.13 -7.28 21.75
C ARG B 143 2.22 -7.86 22.59
N GLU B 144 2.60 -9.09 22.33
CA GLU B 144 3.67 -9.70 23.11
C GLU B 144 5.07 -9.23 22.70
N ASP B 145 5.18 -8.58 21.55
CA ASP B 145 6.38 -7.95 21.03
C ASP B 145 6.71 -6.67 21.79
N GLY B 146 6.04 -6.45 22.92
CA GLY B 146 6.16 -5.21 23.65
C GLY B 146 5.03 -4.33 23.14
N PRO B 147 4.69 -3.31 23.92
CA PRO B 147 3.71 -2.32 23.44
C PRO B 147 4.39 -1.30 22.52
N PHE B 148 3.71 -0.95 21.43
CA PHE B 148 4.13 0.15 20.56
C PHE B 148 3.28 1.39 20.73
N VAL B 149 2.21 1.32 21.52
CA VAL B 149 1.30 2.43 21.70
C VAL B 149 0.97 2.52 23.18
N VAL B 150 0.98 3.73 23.70
CA VAL B 150 0.58 3.98 25.08
C VAL B 150 -0.54 5.01 25.07
N ARG B 151 -1.48 4.86 26.00
CA ARG B 151 -2.53 5.84 26.18
C ARG B 151 -2.13 6.83 27.28
N LEU B 152 -2.42 8.10 27.03
CA LEU B 152 -2.10 9.17 27.97
C LEU B 152 -3.33 9.54 28.79
N ALA B 153 -3.08 10.33 29.84
CA ALA B 153 -4.17 10.82 30.66
C ALA B 153 -5.05 11.77 29.86
N ARG B 154 -6.35 11.76 30.17
CA ARG B 154 -7.29 12.62 29.48
C ARG B 154 -6.97 14.09 29.73
N GLU B 155 -7.10 14.89 28.68
CA GLU B 155 -6.89 16.33 28.78
C GLU B 155 -8.21 17.02 29.11
N PRO B 156 -8.17 18.21 29.72
CA PRO B 156 -9.38 18.79 30.28
C PRO B 156 -10.46 19.04 29.24
N GLY B 157 -11.71 18.86 29.66
CA GLY B 157 -12.86 19.20 28.85
C GLY B 157 -13.07 18.34 27.62
N LYS B 158 -12.33 17.24 27.52
CA LYS B 158 -12.42 16.34 26.38
C LYS B 158 -12.61 14.92 26.86
N ARG B 159 -13.41 14.15 26.13
CA ARG B 159 -13.80 12.81 26.53
C ARG B 159 -12.95 11.72 25.88
N GLU B 160 -11.88 12.10 25.19
CA GLU B 160 -10.99 11.15 24.54
C GLU B 160 -9.58 11.37 25.06
N SER B 161 -8.93 10.27 25.44
CA SER B 161 -7.54 10.29 25.87
C SER B 161 -6.62 10.04 24.68
N ARG B 162 -5.50 10.73 24.65
CA ARG B 162 -4.59 10.64 23.52
C ARG B 162 -3.70 9.42 23.61
N TYR B 163 -3.15 9.02 22.46
CA TYR B 163 -2.24 7.91 22.34
C TYR B 163 -0.93 8.40 21.73
N MET B 164 0.15 7.66 22.01
CA MET B 164 1.46 8.01 21.51
C MET B 164 2.26 6.75 21.26
N HIS B 165 3.05 6.75 20.18
CA HIS B 165 3.89 5.61 19.87
C HIS B 165 5.01 5.48 20.91
N LEU B 166 5.67 4.32 20.91
CA LEU B 166 6.73 4.02 21.85
C LEU B 166 8.07 3.76 21.18
N PHE B 167 8.21 4.11 19.89
CA PHE B 167 9.48 3.99 19.19
C PHE B 167 10.43 5.14 19.50
N SER B 168 10.01 6.12 20.30
CA SER B 168 10.88 7.20 20.76
C SER B 168 11.29 7.03 22.21
N GLY B 169 10.97 5.91 22.83
CA GLY B 169 11.45 5.61 24.17
C GLY B 169 10.42 5.94 25.24
N GLU B 170 10.85 6.71 26.24
CA GLU B 170 10.02 6.95 27.42
C GLU B 170 8.84 7.85 27.10
N VAL B 171 7.71 7.56 27.74
CA VAL B 171 6.51 8.39 27.67
C VAL B 171 6.03 8.62 29.09
N GLU B 172 5.67 9.86 29.40
CA GLU B 172 5.49 10.30 30.79
C GLU B 172 4.02 10.40 31.20
N ASP B 173 3.23 11.20 30.49
CA ASP B 173 1.86 11.47 30.93
C ASP B 173 0.86 10.48 30.33
#